data_1I9Z
#
_entry.id   1I9Z
#
_cell.length_a   148.999
_cell.length_b   67.705
_cell.length_c   51.995
_cell.angle_alpha   90.0
_cell.angle_beta   106.152
_cell.angle_gamma   90.0
#
_symmetry.space_group_name_H-M   'C 1 2 1'
#
loop_
_entity.id
_entity.type
_entity.pdbx_description
1 polymer 'PHOSPHATIDYLINOSITOL PHOSPHATE PHOSPHATASE'
2 non-polymer 'CALCIUM ION'
3 non-polymer D-MYO-INOSITOL-1,4-BISPHOSPHATE
4 water water
#
_entity_poly.entity_id   1
_entity_poly.type   'polypeptide(L)'
_entity_poly.pdbx_seq_one_letter_code
;YDPIHEYVNHELRKRENEFSEHKNVKIFVASYNLNGCSATTKLENWLFPENTPLADIYVVGFQEIVQLTPQQVISADPAK
RREWESCVKRLLNGKCTSGPGYVQLRSGQLVGTALMIFCKESCLPSIKNVEGTVKKTGLGGVSGNKGAVAIRFDYEDTGL
CFITSHLAAGYTNYDERDHDYRTIASGLRFRRGRSIFNHDYVVWFGDFNYRISLTYEEVVPCIAQGKLSYLFEYDQLNKQ
MLTGKVFPFFSELPITFPPTYKFDIGTDIYDTSDKHRVPAWTDRILYRGELVPHSYQSVPLYYSDHRPIYATYEANIVKV
DREKKKILFEELYNQRKQEVRDASQTS
;
_entity_poly.pdbx_strand_id   A
#
# COMPACT_ATOMS: atom_id res chain seq x y z
N TYR A 1 11.89 7.91 34.94
CA TYR A 1 10.66 8.76 35.01
C TYR A 1 10.89 10.13 35.69
N ASP A 2 10.45 11.20 35.02
CA ASP A 2 10.60 12.58 35.53
C ASP A 2 9.29 13.33 35.33
N PRO A 3 8.58 13.61 36.44
CA PRO A 3 7.30 14.32 36.48
C PRO A 3 7.30 15.65 35.73
N ILE A 4 8.39 16.41 35.87
CA ILE A 4 8.50 17.71 35.21
C ILE A 4 8.52 17.54 33.70
N HIS A 5 9.25 16.52 33.22
CA HIS A 5 9.37 16.23 31.79
C HIS A 5 7.98 15.89 31.24
N GLU A 6 7.27 15.03 31.97
CA GLU A 6 5.92 14.61 31.58
C GLU A 6 5.02 15.84 31.47
N TYR A 7 5.09 16.72 32.47
CA TYR A 7 4.31 17.95 32.50
C TYR A 7 4.59 18.77 31.23
N VAL A 8 5.87 18.93 30.92
CA VAL A 8 6.25 19.70 29.75
C VAL A 8 5.67 19.13 28.45
N ASN A 9 5.81 17.82 28.23
CA ASN A 9 5.25 17.23 27.00
C ASN A 9 3.76 17.45 26.93
N HIS A 10 3.13 17.47 28.08
CA HIS A 10 1.68 17.64 28.12
C HIS A 10 1.27 19.04 27.68
N GLU A 11 1.98 20.03 28.20
CA GLU A 11 1.71 21.44 27.90
C GLU A 11 2.07 21.77 26.47
N LEU A 12 3.24 21.31 26.06
CA LEU A 12 3.78 21.53 24.73
C LEU A 12 2.83 20.98 23.68
N ARG A 13 2.17 19.88 24.00
CA ARG A 13 1.24 19.25 23.08
C ARG A 13 0.11 20.23 22.77
N LYS A 14 -0.20 21.11 23.72
CA LYS A 14 -1.26 22.08 23.51
C LYS A 14 -0.77 23.22 22.62
N ARG A 15 0.54 23.45 22.56
CA ARG A 15 1.07 24.53 21.73
C ARG A 15 1.82 24.07 20.46
N GLU A 16 1.45 22.90 19.93
CA GLU A 16 2.12 22.36 18.75
C GLU A 16 2.14 23.25 17.53
N ASN A 17 1.06 23.99 17.33
CA ASN A 17 0.97 24.86 16.19
C ASN A 17 2.12 25.87 16.19
N GLU A 18 2.84 25.96 17.30
CA GLU A 18 3.95 26.91 17.38
C GLU A 18 5.25 26.37 16.81
N PHE A 19 5.38 25.05 16.71
CA PHE A 19 6.60 24.48 16.15
C PHE A 19 6.32 23.37 15.13
N SER A 20 5.09 23.34 14.61
CA SER A 20 4.64 22.34 13.63
C SER A 20 3.79 22.95 12.54
N GLU A 21 3.93 22.39 11.34
CA GLU A 21 3.14 22.77 10.17
C GLU A 21 2.56 21.44 9.67
N HIS A 22 1.29 21.44 9.26
CA HIS A 22 0.64 20.24 8.76
C HIS A 22 0.25 20.49 7.31
N LYS A 23 0.39 19.44 6.48
CA LYS A 23 0.07 19.48 5.06
C LYS A 23 -0.59 18.10 4.69
N ASN A 24 -1.48 18.07 3.70
CA ASN A 24 -2.10 16.81 3.26
C ASN A 24 -1.38 16.45 1.95
N VAL A 25 -0.95 15.20 1.84
CA VAL A 25 -0.30 14.73 0.62
C VAL A 25 -1.25 13.68 0.00
N LYS A 26 -1.52 13.77 -1.31
CA LYS A 26 -2.40 12.81 -2.01
C LYS A 26 -1.57 11.63 -2.51
N ILE A 27 -2.03 10.41 -2.22
CA ILE A 27 -1.28 9.21 -2.57
C ILE A 27 -2.14 8.25 -3.37
N PHE A 28 -1.63 7.79 -4.49
CA PHE A 28 -2.37 6.90 -5.40
C PHE A 28 -1.67 5.56 -5.36
N VAL A 29 -2.38 4.51 -4.97
CA VAL A 29 -1.81 3.18 -4.82
C VAL A 29 -2.45 2.30 -5.86
N ALA A 30 -1.60 1.65 -6.65
CA ALA A 30 -2.03 0.83 -7.75
C ALA A 30 -1.39 -0.54 -7.74
N SER A 31 -2.20 -1.56 -8.04
CA SER A 31 -1.76 -2.95 -8.04
C SER A 31 -2.23 -3.71 -9.29
N TYR A 32 -1.34 -4.55 -9.83
CA TYR A 32 -1.66 -5.33 -11.01
C TYR A 32 -0.91 -6.63 -11.13
N ASN A 33 -1.62 -7.77 -11.07
CA ASN A 33 -1.00 -9.07 -11.33
C ASN A 33 -1.10 -9.17 -12.86
N LEU A 34 0.05 -9.06 -13.51
CA LEU A 34 0.20 -9.04 -14.99
C LEU A 34 0.11 -10.31 -15.76
N ASN A 35 0.22 -11.46 -15.07
CA ASN A 35 0.22 -12.73 -15.77
C ASN A 35 1.33 -12.75 -16.86
N GLY A 36 2.41 -12.01 -16.59
CA GLY A 36 3.56 -11.97 -17.50
C GLY A 36 3.34 -11.17 -18.78
N CYS A 37 2.27 -10.38 -18.84
CA CYS A 37 2.00 -9.58 -20.06
C CYS A 37 3.05 -8.52 -20.29
N SER A 38 3.19 -8.11 -21.55
CA SER A 38 4.15 -7.06 -21.89
C SER A 38 3.87 -5.64 -21.41
N ALA A 39 4.94 -4.94 -21.08
CA ALA A 39 4.92 -3.56 -20.65
C ALA A 39 4.26 -2.72 -21.71
N THR A 40 3.48 -1.72 -21.31
CA THR A 40 2.81 -0.85 -22.30
C THR A 40 2.46 0.42 -21.59
N THR A 41 2.34 1.55 -22.32
CA THR A 41 1.97 2.81 -21.70
C THR A 41 0.45 2.91 -21.80
N LYS A 42 -0.22 1.93 -22.35
CA LYS A 42 -1.67 2.04 -22.49
C LYS A 42 -2.33 1.61 -21.16
N LEU A 43 -2.17 2.45 -20.16
CA LEU A 43 -2.71 2.20 -18.80
C LEU A 43 -3.52 3.36 -18.29
N GLU A 44 -3.93 4.28 -19.18
CA GLU A 44 -4.63 5.49 -18.70
C GLU A 44 -5.81 5.23 -17.76
N ASN A 45 -6.61 4.24 -18.10
CA ASN A 45 -7.83 3.89 -17.33
C ASN A 45 -7.47 3.43 -15.92
N TRP A 46 -6.25 2.95 -15.79
CA TRP A 46 -5.82 2.46 -14.47
C TRP A 46 -5.19 3.52 -13.57
N LEU A 47 -4.22 4.25 -14.13
CA LEU A 47 -3.52 5.26 -13.37
C LEU A 47 -4.17 6.64 -13.31
N PHE A 48 -5.06 6.97 -14.27
CA PHE A 48 -5.75 8.31 -14.21
C PHE A 48 -7.25 7.99 -14.35
N PRO A 49 -7.76 7.15 -13.44
CA PRO A 49 -9.16 6.74 -13.48
C PRO A 49 -10.19 7.76 -13.16
N GLU A 50 -9.82 8.73 -12.33
CA GLU A 50 -10.79 9.73 -11.90
C GLU A 50 -10.55 11.01 -12.62
N ASN A 51 -11.53 11.89 -12.48
CA ASN A 51 -11.46 13.22 -13.04
C ASN A 51 -11.03 14.07 -11.85
N THR A 52 -9.83 13.80 -11.31
CA THR A 52 -9.34 14.56 -10.15
C THR A 52 -7.85 14.93 -10.33
N PRO A 53 -7.31 15.75 -9.41
CA PRO A 53 -5.90 16.09 -9.64
C PRO A 53 -4.94 14.91 -9.54
N LEU A 54 -3.82 15.01 -10.24
CA LEU A 54 -2.81 13.96 -10.17
C LEU A 54 -2.32 13.91 -8.73
N ALA A 55 -1.92 12.73 -8.27
CA ALA A 55 -1.46 12.59 -6.90
C ALA A 55 -0.05 13.13 -6.72
N ASP A 56 0.34 13.31 -5.47
CA ASP A 56 1.72 13.74 -5.18
C ASP A 56 2.66 12.53 -5.27
N ILE A 57 2.14 11.36 -4.87
CA ILE A 57 2.95 10.15 -4.83
C ILE A 57 2.16 9.04 -5.47
N TYR A 58 2.77 8.34 -6.44
CA TYR A 58 2.19 7.15 -7.04
C TYR A 58 2.98 5.93 -6.56
N VAL A 59 2.26 4.95 -5.97
CA VAL A 59 2.90 3.74 -5.47
C VAL A 59 2.32 2.63 -6.32
N VAL A 60 3.15 1.99 -7.14
CA VAL A 60 2.71 0.95 -8.05
C VAL A 60 3.37 -0.40 -7.77
N GLY A 61 2.53 -1.41 -7.56
CA GLY A 61 3.00 -2.74 -7.32
C GLY A 61 2.51 -3.68 -8.39
N PHE A 62 3.46 -4.47 -8.92
CA PHE A 62 3.16 -5.47 -9.93
C PHE A 62 3.44 -6.86 -9.41
N GLN A 63 2.61 -7.83 -9.85
CA GLN A 63 2.89 -9.24 -9.60
C GLN A 63 3.00 -9.94 -10.96
N GLU A 64 3.74 -11.04 -10.99
CA GLU A 64 3.97 -11.80 -12.23
C GLU A 64 4.53 -10.99 -13.41
N ILE A 65 5.56 -10.20 -13.16
CA ILE A 65 6.21 -9.46 -14.27
C ILE A 65 6.64 -10.55 -15.27
N VAL A 66 6.94 -11.73 -14.73
CA VAL A 66 7.19 -12.91 -15.55
C VAL A 66 6.07 -13.87 -15.08
N GLN A 67 5.32 -14.39 -16.04
CA GLN A 67 4.21 -15.32 -15.74
C GLN A 67 4.71 -16.54 -14.96
N LEU A 68 3.99 -16.89 -13.90
CA LEU A 68 4.39 -18.06 -13.11
C LEU A 68 3.89 -19.40 -13.72
N THR A 69 4.77 -20.39 -13.72
CA THR A 69 4.47 -21.74 -14.24
C THR A 69 4.81 -22.84 -13.21
N SER A 75 13.37 -16.76 -11.92
CA SER A 75 14.66 -16.12 -11.59
C SER A 75 14.81 -14.56 -11.66
N ALA A 76 13.72 -13.80 -11.54
CA ALA A 76 13.75 -12.31 -11.58
C ALA A 76 14.31 -11.64 -12.86
N ASP A 77 13.45 -10.89 -13.56
CA ASP A 77 13.87 -10.19 -14.77
C ASP A 77 13.86 -8.66 -14.56
N PRO A 78 15.04 -8.08 -14.24
CA PRO A 78 15.23 -6.65 -14.00
C PRO A 78 14.85 -5.85 -15.24
N ALA A 79 15.16 -6.42 -16.40
CA ALA A 79 14.86 -5.75 -17.66
C ALA A 79 13.38 -5.51 -17.86
N LYS A 80 12.59 -6.54 -17.58
CA LYS A 80 11.15 -6.39 -17.80
C LYS A 80 10.59 -5.38 -16.80
N ARG A 81 11.11 -5.42 -15.57
CA ARG A 81 10.65 -4.44 -14.56
C ARG A 81 10.98 -3.01 -15.05
N ARG A 82 12.19 -2.82 -15.61
CA ARG A 82 12.54 -1.51 -16.08
C ARG A 82 11.69 -1.02 -17.24
N GLU A 83 11.16 -1.93 -18.05
CA GLU A 83 10.28 -1.50 -19.18
C GLU A 83 8.99 -0.90 -18.58
N TRP A 84 8.49 -1.56 -17.52
CA TRP A 84 7.30 -1.07 -16.85
C TRP A 84 7.62 0.29 -16.21
N GLU A 85 8.77 0.40 -15.56
CA GLU A 85 9.15 1.69 -14.97
C GLU A 85 9.15 2.80 -16.00
N SER A 86 9.76 2.49 -17.15
CA SER A 86 9.83 3.49 -18.19
C SER A 86 8.42 3.82 -18.67
N CYS A 87 7.56 2.80 -18.77
CA CYS A 87 6.18 3.08 -19.23
C CYS A 87 5.40 3.95 -18.24
N VAL A 88 5.49 3.64 -16.94
CA VAL A 88 4.77 4.44 -15.98
C VAL A 88 5.30 5.87 -15.94
N LYS A 89 6.62 6.02 -15.95
CA LYS A 89 7.21 7.35 -15.91
C LYS A 89 6.75 8.16 -17.14
N ARG A 90 6.74 7.54 -18.31
CA ARG A 90 6.34 8.29 -19.55
C ARG A 90 4.89 8.75 -19.39
N LEU A 91 4.08 7.86 -18.89
CA LEU A 91 2.68 8.18 -18.72
C LEU A 91 2.44 9.29 -17.69
N LEU A 92 3.10 9.23 -16.54
CA LEU A 92 2.95 10.29 -15.54
C LEU A 92 3.46 11.68 -16.05
N ASN A 93 4.58 11.66 -16.78
CA ASN A 93 5.11 12.91 -17.25
C ASN A 93 4.33 13.49 -18.41
N GLY A 94 3.70 12.58 -19.15
CA GLY A 94 2.86 12.95 -20.29
C GLY A 94 1.70 13.81 -19.86
N LYS A 95 1.33 13.71 -18.58
CA LYS A 95 0.26 14.52 -18.07
C LYS A 95 0.84 15.83 -17.54
N CYS A 96 2.17 15.96 -17.52
CA CYS A 96 2.84 17.17 -17.04
C CYS A 96 3.29 18.04 -18.20
N THR A 97 2.32 18.72 -18.78
CA THR A 97 2.59 19.54 -19.95
C THR A 97 3.38 20.80 -19.70
N SER A 98 3.31 21.31 -18.47
CA SER A 98 4.08 22.50 -18.14
C SER A 98 4.95 22.19 -16.94
N GLY A 99 6.23 22.52 -17.10
CA GLY A 99 7.21 22.32 -16.06
C GLY A 99 7.50 20.90 -15.60
N PRO A 100 8.03 20.74 -14.36
CA PRO A 100 8.41 19.51 -13.66
C PRO A 100 7.34 18.43 -13.61
N GLY A 101 7.85 17.23 -13.80
CA GLY A 101 7.02 16.07 -13.79
C GLY A 101 7.27 15.27 -12.52
N TYR A 102 7.36 13.97 -12.76
CA TYR A 102 7.51 13.00 -11.73
C TYR A 102 8.86 12.33 -11.90
N VAL A 103 9.41 11.88 -10.78
CA VAL A 103 10.65 11.15 -10.80
C VAL A 103 10.41 9.84 -10.03
N GLN A 104 11.19 8.82 -10.39
CA GLN A 104 11.09 7.54 -9.66
C GLN A 104 12.02 7.66 -8.48
N LEU A 105 11.46 7.52 -7.31
CA LEU A 105 12.23 7.60 -6.09
C LEU A 105 13.05 6.32 -5.96
N ARG A 106 12.37 5.19 -6.10
CA ARG A 106 13.05 3.90 -5.93
C ARG A 106 12.14 2.75 -6.38
N SER A 107 12.71 1.60 -6.71
CA SER A 107 11.96 0.41 -7.06
C SER A 107 12.68 -0.76 -6.44
N GLY A 108 11.94 -1.84 -6.27
CA GLY A 108 12.48 -3.04 -5.68
C GLY A 108 11.84 -4.23 -6.40
N GLN A 109 12.44 -5.41 -6.28
CA GLN A 109 11.88 -6.58 -6.96
C GLN A 109 12.21 -7.86 -6.26
N LEU A 110 11.23 -8.78 -6.22
CA LEU A 110 11.44 -10.15 -5.67
C LEU A 110 10.81 -11.07 -6.69
N VAL A 111 11.66 -11.70 -7.50
CA VAL A 111 11.24 -12.52 -8.60
C VAL A 111 10.25 -11.71 -9.50
N GLY A 112 8.99 -12.11 -9.62
CA GLY A 112 8.10 -11.34 -10.47
C GLY A 112 7.27 -10.22 -9.79
N THR A 113 7.51 -10.05 -8.52
CA THR A 113 6.83 -9.00 -7.75
C THR A 113 7.71 -7.76 -7.72
N ALA A 114 7.13 -6.58 -8.04
CA ALA A 114 7.94 -5.35 -7.97
C ALA A 114 7.14 -4.18 -7.41
N LEU A 115 7.85 -3.26 -6.79
CA LEU A 115 7.24 -2.07 -6.21
C LEU A 115 8.03 -0.88 -6.72
N MET A 116 7.34 0.13 -7.22
CA MET A 116 8.07 1.30 -7.68
C MET A 116 7.29 2.50 -7.21
N ILE A 117 8.02 3.52 -6.75
CA ILE A 117 7.38 4.71 -6.20
C ILE A 117 7.85 5.97 -6.94
N PHE A 118 6.88 6.75 -7.43
CA PHE A 118 7.15 8.01 -8.12
C PHE A 118 6.57 9.18 -7.34
N CYS A 119 7.21 10.35 -7.37
CA CYS A 119 6.60 11.51 -6.69
C CYS A 119 6.83 12.72 -7.56
N LYS A 120 6.09 13.77 -7.28
CA LYS A 120 6.28 15.01 -8.02
C LYS A 120 7.70 15.49 -7.66
N GLU A 121 8.40 16.10 -8.60
CA GLU A 121 9.74 16.64 -8.27
C GLU A 121 9.68 17.58 -7.07
N SER A 122 8.58 18.34 -6.98
CA SER A 122 8.41 19.29 -5.87
C SER A 122 8.33 18.62 -4.50
N CYS A 123 8.04 17.33 -4.45
CA CYS A 123 7.97 16.65 -3.16
C CYS A 123 9.34 16.20 -2.70
N LEU A 124 10.27 16.07 -3.64
CA LEU A 124 11.58 15.54 -3.28
C LEU A 124 12.31 16.11 -2.07
N PRO A 125 12.34 17.44 -1.91
CA PRO A 125 13.05 18.00 -0.75
C PRO A 125 12.51 17.52 0.58
N SER A 126 11.25 17.07 0.60
CA SER A 126 10.60 16.64 1.83
C SER A 126 10.84 15.18 2.13
N ILE A 127 11.33 14.43 1.14
CA ILE A 127 11.46 12.96 1.30
C ILE A 127 12.84 12.53 1.72
N LYS A 128 12.92 11.82 2.85
CA LYS A 128 14.22 11.43 3.37
C LYS A 128 14.20 10.00 3.92
N ASN A 129 15.41 9.45 4.14
CA ASN A 129 15.56 8.11 4.72
C ASN A 129 14.78 7.01 3.96
N VAL A 130 14.90 7.05 2.63
CA VAL A 130 14.25 6.04 1.82
C VAL A 130 15.02 4.72 1.99
N GLU A 131 14.29 3.63 2.33
CA GLU A 131 14.89 2.33 2.49
C GLU A 131 14.05 1.29 1.82
N GLY A 132 14.67 0.20 1.37
CA GLY A 132 13.86 -0.84 0.76
C GLY A 132 14.32 -2.20 1.18
N THR A 133 13.40 -3.18 1.09
CA THR A 133 13.80 -4.56 1.37
C THR A 133 12.81 -5.54 0.75
N VAL A 134 13.09 -6.83 0.85
CA VAL A 134 12.16 -7.81 0.27
C VAL A 134 12.13 -8.97 1.23
N LYS A 135 11.12 -9.83 1.10
CA LYS A 135 11.09 -11.05 1.92
C LYS A 135 10.33 -12.12 1.17
N LYS A 136 10.97 -13.25 0.93
CA LYS A 136 10.28 -14.35 0.28
C LYS A 136 9.44 -15.09 1.32
N THR A 137 8.40 -15.75 0.83
CA THR A 137 7.53 -16.51 1.69
C THR A 137 8.16 -17.91 1.75
N GLY A 138 7.84 -18.61 2.84
CA GLY A 138 8.37 -19.92 3.04
C GLY A 138 7.38 -21.06 2.97
N LEU A 139 6.96 -21.52 4.14
CA LEU A 139 6.08 -22.68 4.27
C LEU A 139 6.37 -23.76 3.25
N GLY A 144 10.91 -20.95 -4.80
CA GLY A 144 9.63 -20.25 -4.65
C GLY A 144 9.54 -18.86 -5.28
N ASN A 145 8.38 -18.52 -5.84
CA ASN A 145 8.27 -17.21 -6.43
C ASN A 145 7.34 -16.22 -5.68
N LYS A 146 6.92 -16.54 -4.46
CA LYS A 146 6.03 -15.63 -3.70
C LYS A 146 6.79 -14.81 -2.67
N GLY A 147 6.21 -13.68 -2.29
CA GLY A 147 6.89 -12.84 -1.32
C GLY A 147 6.46 -11.40 -1.33
N ALA A 148 7.29 -10.57 -0.73
CA ALA A 148 6.97 -9.15 -0.60
C ALA A 148 8.10 -8.22 -0.93
N VAL A 149 7.74 -7.03 -1.42
CA VAL A 149 8.74 -5.98 -1.68
C VAL A 149 8.22 -4.75 -0.93
N ALA A 150 9.12 -4.10 -0.19
CA ALA A 150 8.73 -2.94 0.59
C ALA A 150 9.70 -1.73 0.49
N ILE A 151 9.12 -0.54 0.43
CA ILE A 151 9.90 0.70 0.46
C ILE A 151 9.23 1.65 1.49
N ARG A 152 10.04 2.27 2.33
CA ARG A 152 9.56 3.20 3.33
C ARG A 152 10.37 4.50 3.20
N PHE A 153 9.82 5.57 3.77
CA PHE A 153 10.50 6.84 3.70
C PHE A 153 9.80 7.83 4.66
N ASP A 154 10.48 8.92 4.96
CA ASP A 154 9.84 9.92 5.80
C ASP A 154 9.49 11.03 4.85
N TYR A 155 8.30 11.62 5.04
CA TYR A 155 7.84 12.78 4.28
C TYR A 155 7.79 13.83 5.41
N GLU A 156 8.78 14.73 5.36
CA GLU A 156 8.99 15.67 6.46
C GLU A 156 9.14 14.78 7.70
N ASP A 157 8.38 14.99 8.79
CA ASP A 157 8.57 14.15 9.94
C ASP A 157 7.52 13.04 10.10
N THR A 158 6.90 12.65 8.99
CA THR A 158 5.89 11.61 9.05
C THR A 158 6.45 10.37 8.33
N GLY A 159 6.36 9.18 8.94
CA GLY A 159 6.92 7.96 8.32
C GLY A 159 5.92 7.13 7.54
N LEU A 160 6.24 6.76 6.29
CA LEU A 160 5.33 5.95 5.49
C LEU A 160 5.99 4.65 5.03
N CYS A 161 5.24 3.54 5.04
CA CYS A 161 5.81 2.32 4.57
C CYS A 161 4.85 1.66 3.62
N PHE A 162 5.36 1.30 2.42
CA PHE A 162 4.57 0.64 1.41
C PHE A 162 5.08 -0.77 1.13
N ILE A 163 4.13 -1.72 1.09
CA ILE A 163 4.46 -3.09 0.84
C ILE A 163 3.57 -3.70 -0.20
N THR A 164 4.16 -4.29 -1.26
CA THR A 164 3.32 -5.06 -2.17
C THR A 164 3.72 -6.55 -2.03
N SER A 165 2.79 -7.50 -2.25
CA SER A 165 3.07 -8.91 -2.11
C SER A 165 2.32 -9.76 -3.08
N HIS A 166 2.78 -11.01 -3.17
CA HIS A 166 2.09 -12.03 -3.96
C HIS A 166 2.13 -13.19 -3.03
N LEU A 167 0.96 -13.59 -2.48
CA LEU A 167 0.95 -14.70 -1.52
C LEU A 167 0.55 -16.04 -2.09
N ALA A 168 0.63 -17.07 -1.25
CA ALA A 168 0.40 -18.45 -1.76
C ALA A 168 -0.87 -18.65 -2.56
N ALA A 169 -0.79 -19.34 -3.71
CA ALA A 169 -1.97 -19.55 -4.56
C ALA A 169 -2.66 -20.81 -4.09
N GLY A 170 -3.93 -20.94 -4.44
CA GLY A 170 -4.64 -22.16 -4.06
C GLY A 170 -6.03 -21.79 -3.59
N TYR A 171 -6.98 -22.67 -3.88
CA TYR A 171 -8.35 -22.43 -3.49
C TYR A 171 -8.61 -22.49 -1.98
N THR A 172 -8.25 -23.60 -1.36
CA THR A 172 -8.53 -23.76 0.07
C THR A 172 -7.41 -23.41 1.05
N ASN A 173 -6.20 -23.16 0.57
CA ASN A 173 -5.10 -22.96 1.51
C ASN A 173 -4.90 -21.61 2.09
N TYR A 174 -5.96 -21.11 2.73
CA TYR A 174 -5.84 -19.82 3.35
C TYR A 174 -4.95 -19.94 4.59
N ASP A 175 -4.79 -21.13 5.16
CA ASP A 175 -3.84 -21.19 6.32
C ASP A 175 -2.41 -20.84 5.82
N GLU A 176 -2.10 -21.27 4.62
CA GLU A 176 -0.75 -20.95 4.10
C GLU A 176 -0.64 -19.44 3.81
N ARG A 177 -1.68 -18.80 3.27
CA ARG A 177 -1.61 -17.34 3.10
C ARG A 177 -1.46 -16.67 4.46
N ASP A 178 -2.18 -17.16 5.47
CA ASP A 178 -2.03 -16.47 6.78
C ASP A 178 -0.56 -16.59 7.28
N HIS A 179 0.02 -17.76 7.03
CA HIS A 179 1.39 -18.03 7.43
C HIS A 179 2.32 -17.07 6.65
N ASP A 180 1.97 -16.82 5.39
CA ASP A 180 2.78 -15.90 4.58
C ASP A 180 2.73 -14.50 5.17
N TYR A 181 1.55 -14.09 5.63
CA TYR A 181 1.41 -12.81 6.26
C TYR A 181 2.36 -12.72 7.45
N ARG A 182 2.33 -13.74 8.30
CA ARG A 182 3.16 -13.68 9.49
C ARG A 182 4.64 -13.67 9.17
N THR A 183 5.02 -14.45 8.16
CA THR A 183 6.41 -14.59 7.70
C THR A 183 6.94 -13.26 7.21
N ILE A 184 6.11 -12.56 6.45
CA ILE A 184 6.51 -11.27 5.94
C ILE A 184 6.49 -10.18 6.98
N ALA A 185 5.46 -10.16 7.82
CA ALA A 185 5.37 -9.10 8.84
C ALA A 185 6.56 -9.23 9.84
N SER A 186 6.96 -10.46 10.15
CA SER A 186 8.12 -10.63 11.04
C SER A 186 9.44 -10.53 10.27
N GLY A 187 9.43 -10.93 9.01
CA GLY A 187 10.69 -10.96 8.28
C GLY A 187 11.19 -9.74 7.55
N LEU A 188 10.30 -8.84 7.19
CA LEU A 188 10.71 -7.65 6.45
C LEU A 188 11.45 -6.72 7.42
N ARG A 189 12.68 -6.37 7.10
CA ARG A 189 13.43 -5.48 7.99
C ARG A 189 14.22 -4.54 7.11
N PHE A 190 14.14 -3.25 7.40
CA PHE A 190 14.90 -2.28 6.60
C PHE A 190 16.25 -2.06 7.26
N ARG A 191 16.87 -0.90 7.16
CA ARG A 191 18.18 -0.71 7.84
C ARG A 191 18.09 -0.76 9.37
N ARG A 192 19.14 -1.28 9.98
CA ARG A 192 19.18 -1.32 11.45
C ARG A 192 17.96 -1.98 12.09
N GLY A 193 17.46 -3.04 11.45
CA GLY A 193 16.32 -3.75 12.03
C GLY A 193 14.99 -3.02 12.07
N ARG A 194 14.84 -1.90 11.38
CA ARG A 194 13.55 -1.19 11.37
C ARG A 194 12.42 -2.10 10.78
N SER A 195 11.28 -2.22 11.44
CA SER A 195 10.20 -3.06 10.95
C SER A 195 9.16 -2.28 10.17
N ILE A 196 8.20 -2.98 9.59
CA ILE A 196 7.20 -2.24 8.83
C ILE A 196 6.23 -1.47 9.73
N PHE A 197 6.12 -1.88 11.00
CA PHE A 197 5.13 -1.28 11.86
C PHE A 197 5.51 0.03 12.48
N ASN A 198 6.81 0.31 12.46
CA ASN A 198 7.37 1.53 13.01
C ASN A 198 7.15 2.72 12.09
N HIS A 199 5.91 2.98 11.64
CA HIS A 199 5.52 4.06 10.74
C HIS A 199 4.15 4.63 11.09
N ASP A 200 3.95 5.90 10.79
CA ASP A 200 2.62 6.52 10.96
C ASP A 200 1.59 5.90 10.02
N TYR A 201 2.00 5.65 8.76
CA TYR A 201 1.09 5.07 7.77
C TYR A 201 1.73 3.87 7.08
N VAL A 202 0.98 2.76 6.93
CA VAL A 202 1.50 1.59 6.25
C VAL A 202 0.42 1.16 5.24
N VAL A 203 0.79 0.88 3.98
CA VAL A 203 -0.23 0.41 3.00
C VAL A 203 0.37 -0.87 2.51
N TRP A 204 -0.37 -1.97 2.66
CA TRP A 204 0.15 -3.30 2.27
C TRP A 204 -0.88 -3.81 1.27
N PHE A 205 -0.43 -4.24 0.09
CA PHE A 205 -1.36 -4.59 -0.94
C PHE A 205 -0.78 -5.55 -1.97
N GLY A 206 -1.65 -6.03 -2.85
CA GLY A 206 -1.20 -6.90 -3.95
C GLY A 206 -2.12 -8.07 -4.16
N ASP A 207 -1.57 -9.16 -4.69
CA ASP A 207 -2.36 -10.36 -4.99
C ASP A 207 -2.16 -11.24 -3.76
N PHE A 208 -3.03 -11.03 -2.78
CA PHE A 208 -2.95 -11.82 -1.54
C PHE A 208 -3.49 -13.22 -1.77
N ASN A 209 -4.22 -13.42 -2.89
CA ASN A 209 -4.69 -14.73 -3.27
C ASN A 209 -5.81 -15.36 -2.48
N TYR A 210 -6.40 -14.59 -1.57
CA TYR A 210 -7.54 -15.11 -0.80
C TYR A 210 -8.72 -15.25 -1.72
N ARG A 211 -9.52 -16.28 -1.45
CA ARG A 211 -10.63 -16.67 -2.37
C ARG A 211 -12.03 -16.59 -1.76
N ILE A 212 -13.04 -16.76 -2.64
CA ILE A 212 -14.44 -16.79 -2.15
C ILE A 212 -14.73 -18.29 -1.99
N SER A 213 -15.14 -18.71 -0.77
CA SER A 213 -15.33 -20.13 -0.55
C SER A 213 -16.68 -20.70 -1.01
N LEU A 214 -17.01 -20.49 -2.28
CA LEU A 214 -18.22 -21.08 -2.89
C LEU A 214 -17.75 -21.69 -4.24
N THR A 215 -18.60 -22.44 -4.93
CA THR A 215 -18.21 -23.05 -6.22
C THR A 215 -18.45 -22.04 -7.36
N TYR A 216 -17.78 -22.33 -8.47
CA TYR A 216 -17.84 -21.52 -9.70
C TYR A 216 -19.31 -21.31 -10.07
N GLU A 217 -20.13 -22.37 -10.02
CA GLU A 217 -21.51 -22.20 -10.43
C GLU A 217 -22.34 -21.36 -9.50
N GLU A 218 -21.95 -21.31 -8.23
CA GLU A 218 -22.65 -20.44 -7.28
C GLU A 218 -22.20 -19.02 -7.49
N VAL A 219 -20.89 -18.84 -7.67
CA VAL A 219 -20.32 -17.47 -7.71
C VAL A 219 -20.62 -16.65 -8.96
N VAL A 220 -20.47 -17.27 -10.14
CA VAL A 220 -20.70 -16.50 -11.37
C VAL A 220 -22.04 -15.78 -11.49
N PRO A 221 -23.16 -16.49 -11.24
CA PRO A 221 -24.43 -15.78 -11.35
C PRO A 221 -24.59 -14.77 -10.29
N CYS A 222 -24.02 -15.01 -9.09
CA CYS A 222 -24.14 -13.94 -8.10
C CYS A 222 -23.41 -12.72 -8.58
N ILE A 223 -22.28 -12.93 -9.25
CA ILE A 223 -21.59 -11.72 -9.73
C ILE A 223 -22.44 -10.99 -10.76
N ALA A 224 -23.00 -11.78 -11.66
CA ALA A 224 -23.76 -11.19 -12.77
C ALA A 224 -24.96 -10.42 -12.24
N GLN A 225 -25.46 -10.88 -11.10
CA GLN A 225 -26.60 -10.24 -10.45
C GLN A 225 -26.28 -9.19 -9.42
N GLY A 226 -25.01 -8.83 -9.29
CA GLY A 226 -24.62 -7.78 -8.37
C GLY A 226 -24.70 -8.13 -6.91
N LYS A 227 -24.73 -9.42 -6.57
CA LYS A 227 -24.83 -9.84 -5.17
C LYS A 227 -23.47 -9.90 -4.50
N LEU A 228 -22.75 -8.76 -4.51
CA LEU A 228 -21.42 -8.72 -3.95
C LEU A 228 -21.38 -8.87 -2.45
N SER A 229 -22.35 -8.27 -1.74
CA SER A 229 -22.43 -8.41 -0.28
C SER A 229 -22.50 -9.86 0.13
N TYR A 230 -23.33 -10.62 -0.58
CA TYR A 230 -23.44 -12.06 -0.26
C TYR A 230 -22.11 -12.75 -0.51
N LEU A 231 -21.48 -12.45 -1.62
CA LEU A 231 -20.21 -13.12 -1.86
C LEU A 231 -19.13 -12.76 -0.84
N PHE A 232 -19.12 -11.53 -0.37
CA PHE A 232 -18.11 -11.08 0.56
C PHE A 232 -18.23 -11.86 1.88
N GLU A 233 -19.43 -12.36 2.18
CA GLU A 233 -19.62 -13.18 3.38
C GLU A 233 -18.81 -14.44 3.28
N TYR A 234 -18.39 -14.81 2.06
CA TYR A 234 -17.61 -15.99 1.93
C TYR A 234 -16.15 -15.67 1.55
N ASP A 235 -15.77 -14.41 1.62
CA ASP A 235 -14.38 -14.04 1.27
C ASP A 235 -13.44 -14.47 2.40
N GLN A 236 -12.40 -15.23 2.05
CA GLN A 236 -11.42 -15.71 3.08
C GLN A 236 -10.64 -14.59 3.74
N LEU A 237 -10.27 -13.54 3.01
CA LEU A 237 -9.50 -12.51 3.68
C LEU A 237 -10.32 -11.79 4.80
N ASN A 238 -11.56 -11.41 4.48
CA ASN A 238 -12.45 -10.77 5.45
C ASN A 238 -12.58 -11.66 6.68
N LYS A 239 -12.74 -12.95 6.43
CA LYS A 239 -12.95 -13.92 7.52
C LYS A 239 -11.74 -13.96 8.42
N GLN A 240 -10.53 -14.03 7.85
CA GLN A 240 -9.29 -14.06 8.66
C GLN A 240 -8.93 -12.73 9.30
N MET A 241 -9.28 -11.61 8.68
CA MET A 241 -8.99 -10.34 9.30
C MET A 241 -9.94 -10.14 10.51
N LEU A 242 -11.18 -10.61 10.39
CA LEU A 242 -12.14 -10.43 11.47
C LEU A 242 -11.69 -11.04 12.80
N THR A 243 -10.97 -12.15 12.70
CA THR A 243 -10.45 -12.81 13.89
C THR A 243 -9.10 -12.28 14.41
N GLY A 244 -8.56 -11.24 13.77
CA GLY A 244 -7.24 -10.73 14.18
C GLY A 244 -6.08 -11.64 13.78
N LYS A 245 -6.35 -12.77 13.14
CA LYS A 245 -5.27 -13.69 12.71
C LYS A 245 -4.28 -13.04 11.68
N VAL A 246 -4.79 -12.24 10.75
CA VAL A 246 -3.91 -11.62 9.75
C VAL A 246 -4.19 -10.15 9.64
N PHE A 247 -3.18 -9.39 9.22
CA PHE A 247 -3.32 -7.94 9.07
C PHE A 247 -4.09 -7.23 10.21
N PRO A 248 -3.68 -7.48 11.46
CA PRO A 248 -4.38 -6.81 12.56
C PRO A 248 -4.16 -5.29 12.45
N PHE A 249 -5.19 -4.56 12.83
CA PHE A 249 -5.20 -3.13 12.79
C PHE A 249 -5.18 -2.55 11.37
N PHE A 250 -5.28 -3.40 10.34
CA PHE A 250 -5.41 -2.91 8.98
C PHE A 250 -6.89 -2.80 8.61
N SER A 251 -7.23 -1.83 7.79
CA SER A 251 -8.59 -1.66 7.34
C SER A 251 -8.64 -1.80 5.83
N GLU A 252 -9.84 -2.15 5.34
CA GLU A 252 -10.08 -2.22 3.90
C GLU A 252 -11.36 -1.46 3.67
N LEU A 253 -11.41 -0.63 2.62
CA LEU A 253 -12.66 0.04 2.31
C LEU A 253 -13.59 -1.07 1.80
N PRO A 254 -14.92 -0.82 1.87
CA PRO A 254 -15.91 -1.77 1.40
C PRO A 254 -15.63 -1.98 -0.10
N ILE A 255 -15.77 -3.23 -0.55
CA ILE A 255 -15.54 -3.57 -1.96
C ILE A 255 -16.85 -3.46 -2.72
N THR A 256 -16.85 -2.58 -3.72
CA THR A 256 -18.02 -2.38 -4.56
C THR A 256 -17.77 -2.82 -6.00
N PHE A 257 -16.60 -3.41 -6.23
CA PHE A 257 -16.26 -3.90 -7.58
C PHE A 257 -16.29 -5.42 -7.62
N PRO A 258 -16.52 -6.00 -8.81
CA PRO A 258 -16.57 -7.45 -8.94
C PRO A 258 -15.20 -8.12 -8.74
N PRO A 259 -15.18 -9.42 -8.43
CA PRO A 259 -13.98 -10.25 -8.23
C PRO A 259 -13.08 -9.97 -9.45
N THR A 260 -11.80 -9.68 -9.15
CA THR A 260 -10.86 -9.28 -10.16
C THR A 260 -10.12 -10.44 -10.81
N TYR A 261 -10.47 -11.64 -10.37
CA TYR A 261 -9.84 -12.82 -10.81
C TYR A 261 -10.90 -13.87 -10.99
N LYS A 262 -10.33 -14.44 -12.04
CA LYS A 262 -10.03 -15.26 -13.12
C LYS A 262 -10.73 -15.00 -14.41
N PHE A 263 -10.21 -14.09 -15.24
CA PHE A 263 -10.90 -13.76 -16.47
C PHE A 263 -10.15 -14.38 -17.65
N ASP A 264 -10.92 -14.70 -18.72
CA ASP A 264 -10.29 -15.11 -20.00
C ASP A 264 -9.58 -13.81 -20.43
N ILE A 265 -8.39 -13.93 -20.97
CA ILE A 265 -7.61 -12.76 -21.33
C ILE A 265 -8.31 -12.01 -22.50
N GLY A 266 -8.40 -10.69 -22.38
CA GLY A 266 -9.03 -9.81 -23.40
C GLY A 266 -10.55 -9.71 -23.28
N THR A 267 -11.17 -10.41 -22.34
CA THR A 267 -12.64 -10.36 -22.31
C THR A 267 -13.23 -10.05 -20.89
N ASP A 268 -14.57 -9.96 -20.85
CA ASP A 268 -15.29 -9.71 -19.59
C ASP A 268 -15.73 -11.03 -19.02
N ILE A 269 -15.19 -12.13 -19.53
CA ILE A 269 -15.73 -13.43 -19.17
C ILE A 269 -14.89 -14.15 -18.12
N TYR A 270 -15.55 -14.70 -17.10
CA TYR A 270 -14.78 -15.47 -16.10
C TYR A 270 -14.36 -16.83 -16.68
N ASP A 271 -13.15 -17.22 -16.31
CA ASP A 271 -12.49 -18.43 -16.72
C ASP A 271 -13.35 -19.53 -17.35
N THR A 272 -13.27 -19.66 -18.69
CA THR A 272 -14.01 -20.69 -19.40
C THR A 272 -13.08 -21.87 -19.71
N SER A 273 -11.85 -21.86 -19.18
CA SER A 273 -10.93 -22.99 -19.41
C SER A 273 -11.45 -24.15 -18.60
N ASP A 274 -10.94 -25.34 -18.90
CA ASP A 274 -11.42 -26.52 -18.23
C ASP A 274 -11.12 -26.47 -16.74
N LYS A 275 -10.16 -25.62 -16.36
CA LYS A 275 -9.75 -25.48 -14.95
C LYS A 275 -10.83 -24.92 -14.05
N HIS A 276 -11.92 -24.44 -14.66
N HIS A 276 -12.07 -23.56 -14.98
CA HIS A 276 -13.05 -23.84 -13.95
CA HIS A 276 -13.09 -23.36 -13.99
C HIS A 276 -12.89 -23.82 -12.44
C HIS A 276 -12.64 -22.71 -12.69
N ARG A 277 -11.57 -21.93 -12.67
CA ARG A 277 -11.18 -21.29 -11.43
C ARG A 277 -12.33 -20.46 -10.90
N VAL A 278 -12.62 -20.64 -9.60
CA VAL A 278 -13.71 -19.88 -9.02
C VAL A 278 -13.29 -18.40 -8.92
N PRO A 279 -14.18 -17.47 -9.30
CA PRO A 279 -13.81 -16.04 -9.19
C PRO A 279 -13.47 -15.67 -7.76
N ALA A 280 -12.62 -14.64 -7.61
CA ALA A 280 -12.24 -14.20 -6.26
C ALA A 280 -11.70 -12.77 -6.25
N TRP A 281 -11.77 -12.13 -5.08
CA TRP A 281 -11.16 -10.84 -4.87
C TRP A 281 -9.69 -11.15 -4.40
N THR A 282 -8.86 -11.59 -5.37
CA THR A 282 -7.45 -11.92 -5.03
C THR A 282 -6.62 -10.66 -4.78
N ASP A 283 -7.00 -9.54 -5.43
CA ASP A 283 -6.20 -8.27 -5.39
C ASP A 283 -6.77 -7.30 -4.39
N ARG A 284 -5.95 -6.89 -3.42
CA ARG A 284 -6.49 -6.06 -2.30
C ARG A 284 -5.54 -4.99 -1.89
N ILE A 285 -6.08 -3.94 -1.30
CA ILE A 285 -5.23 -2.85 -0.76
C ILE A 285 -5.76 -2.61 0.65
N LEU A 286 -4.87 -2.72 1.64
CA LEU A 286 -5.21 -2.55 3.07
C LEU A 286 -4.31 -1.45 3.66
N TYR A 287 -4.78 -0.71 4.69
CA TYR A 287 -3.93 0.35 5.23
C TYR A 287 -4.00 0.34 6.73
N ARG A 288 -2.95 0.85 7.32
CA ARG A 288 -2.89 0.86 8.77
C ARG A 288 -2.41 2.26 9.14
N GLY A 289 -3.05 2.87 10.13
CA GLY A 289 -2.68 4.22 10.52
C GLY A 289 -3.74 5.17 10.03
N GLU A 290 -3.61 6.45 10.43
CA GLU A 290 -4.61 7.46 10.11
C GLU A 290 -4.69 8.09 8.74
N LEU A 291 -4.61 7.28 7.69
CA LEU A 291 -4.78 7.78 6.34
C LEU A 291 -6.25 8.09 6.17
N VAL A 292 -6.59 8.99 5.25
CA VAL A 292 -8.01 9.23 4.94
C VAL A 292 -8.23 8.58 3.58
N PRO A 293 -8.97 7.46 3.54
CA PRO A 293 -9.24 6.75 2.29
C PRO A 293 -10.33 7.36 1.46
N HIS A 294 -10.14 7.35 0.14
CA HIS A 294 -11.13 7.88 -0.72
C HIS A 294 -11.71 6.82 -1.63
N SER A 295 -11.00 6.47 -2.68
CA SER A 295 -11.50 5.50 -3.66
C SER A 295 -10.85 4.12 -3.52
N TYR A 296 -11.56 3.11 -4.00
CA TYR A 296 -11.01 1.73 -4.00
C TYR A 296 -11.74 1.06 -5.12
N GLN A 297 -11.06 0.82 -6.24
CA GLN A 297 -11.78 0.25 -7.39
C GLN A 297 -10.90 -0.65 -8.26
N SER A 298 -11.56 -1.44 -9.10
CA SER A 298 -10.89 -2.24 -10.13
C SER A 298 -11.12 -1.42 -11.43
N VAL A 299 -10.29 -1.66 -12.43
CA VAL A 299 -10.36 -0.91 -13.68
C VAL A 299 -10.40 -1.88 -14.83
N PRO A 300 -11.13 -1.54 -15.88
CA PRO A 300 -11.21 -2.45 -17.01
C PRO A 300 -10.00 -2.47 -17.96
N LEU A 301 -8.92 -3.13 -17.57
CA LEU A 301 -7.77 -3.39 -18.48
C LEU A 301 -7.82 -4.90 -18.69
N TYR A 302 -7.52 -5.35 -19.90
CA TYR A 302 -7.74 -6.75 -20.27
C TYR A 302 -6.49 -7.55 -20.67
N TYR A 303 -5.31 -7.03 -20.32
CA TYR A 303 -4.08 -7.69 -20.73
C TYR A 303 -3.76 -8.94 -19.97
N SER A 304 -4.42 -9.09 -18.82
CA SER A 304 -4.12 -10.20 -17.90
C SER A 304 -5.38 -10.98 -17.51
N ASP A 305 -5.19 -12.08 -16.75
CA ASP A 305 -6.37 -12.80 -16.27
C ASP A 305 -6.84 -12.14 -14.95
N HIS A 306 -6.14 -11.12 -14.48
CA HIS A 306 -6.63 -10.32 -13.35
C HIS A 306 -6.94 -8.90 -13.83
N ARG A 307 -7.89 -8.24 -13.17
CA ARG A 307 -8.06 -6.78 -13.42
C ARG A 307 -7.18 -6.05 -12.44
N PRO A 308 -6.64 -4.89 -12.84
CA PRO A 308 -5.80 -4.06 -11.97
C PRO A 308 -6.76 -3.33 -11.02
N ILE A 309 -6.22 -2.86 -9.88
CA ILE A 309 -7.05 -2.10 -8.91
C ILE A 309 -6.25 -0.89 -8.42
N TYR A 310 -6.93 0.05 -7.77
CA TYR A 310 -6.22 1.17 -7.16
C TYR A 310 -7.00 1.66 -5.94
N ALA A 311 -6.31 2.44 -5.11
CA ALA A 311 -6.95 3.06 -3.96
C ALA A 311 -6.31 4.44 -3.86
N THR A 312 -7.07 5.43 -3.35
CA THR A 312 -6.51 6.76 -3.15
C THR A 312 -6.60 7.16 -1.67
N TYR A 313 -5.65 7.96 -1.24
CA TYR A 313 -5.61 8.43 0.15
C TYR A 313 -5.12 9.86 0.26
N GLU A 314 -5.47 10.48 1.38
CA GLU A 314 -4.92 11.79 1.73
C GLU A 314 -4.13 11.44 2.95
N ALA A 315 -2.90 11.94 3.05
CA ALA A 315 -2.07 11.61 4.19
C ALA A 315 -1.61 12.92 4.81
N ASN A 316 -1.98 13.12 6.08
CA ASN A 316 -1.60 14.31 6.78
C ASN A 316 -0.16 14.15 7.22
N ILE A 317 0.63 15.14 6.83
CA ILE A 317 2.07 15.20 7.06
C ILE A 317 2.39 16.32 8.06
N VAL A 318 3.41 16.10 8.89
CA VAL A 318 3.80 17.14 9.84
C VAL A 318 5.26 17.49 9.69
N LYS A 319 5.56 18.78 9.69
CA LYS A 319 6.94 19.21 9.62
C LYS A 319 7.19 19.95 10.95
N VAL A 320 8.09 19.41 11.75
CA VAL A 320 8.42 19.94 13.06
C VAL A 320 9.72 20.74 13.07
N ASP A 321 9.69 21.98 13.59
CA ASP A 321 10.91 22.80 13.72
C ASP A 321 11.51 22.26 15.03
N ARG A 322 12.47 21.33 14.94
CA ARG A 322 13.05 20.70 16.13
C ARG A 322 13.77 21.67 17.06
N GLU A 323 14.44 22.64 16.44
CA GLU A 323 15.19 23.65 17.16
C GLU A 323 14.22 24.46 18.04
N LYS A 324 13.19 24.99 17.39
CA LYS A 324 12.17 25.80 18.06
C LYS A 324 11.44 25.05 19.16
N LYS A 325 11.25 23.75 18.97
CA LYS A 325 10.57 22.91 19.95
C LYS A 325 11.46 22.59 21.14
N LYS A 326 12.75 22.40 20.90
CA LYS A 326 13.65 22.06 21.99
C LYS A 326 13.76 23.27 22.93
N ILE A 327 13.70 24.46 22.35
CA ILE A 327 13.77 25.69 23.13
C ILE A 327 12.52 25.83 24.01
N LEU A 328 11.33 25.71 23.43
CA LEU A 328 10.12 25.79 24.22
C LEU A 328 10.19 24.74 25.32
N PHE A 329 10.58 23.52 24.97
CA PHE A 329 10.65 22.47 25.96
C PHE A 329 11.50 22.85 27.16
N GLU A 330 12.76 23.24 26.90
CA GLU A 330 13.66 23.62 27.97
C GLU A 330 13.10 24.80 28.79
N GLU A 331 12.54 25.79 28.12
CA GLU A 331 11.96 26.95 28.79
C GLU A 331 10.83 26.49 29.72
N LEU A 332 9.85 25.77 29.18
CA LEU A 332 8.74 25.26 29.99
C LEU A 332 9.26 24.42 31.15
N TYR A 333 10.27 23.59 30.88
CA TYR A 333 10.84 22.72 31.90
C TYR A 333 11.49 23.49 33.05
N ASN A 334 12.24 24.54 32.73
CA ASN A 334 12.89 25.38 33.73
C ASN A 334 11.85 26.15 34.54
N GLN A 335 10.93 26.78 33.83
CA GLN A 335 9.90 27.55 34.48
C GLN A 335 9.21 26.66 35.52
N ARG A 336 8.96 25.40 35.16
CA ARG A 336 8.31 24.47 36.08
C ARG A 336 9.23 24.03 37.23
N LYS A 337 10.50 23.83 36.95
CA LYS A 337 11.40 23.41 38.00
C LYS A 337 11.59 24.52 39.04
N GLN A 338 11.59 25.76 38.57
CA GLN A 338 11.73 26.94 39.45
C GLN A 338 10.42 27.13 40.23
N GLU A 339 9.30 26.89 39.57
CA GLU A 339 8.03 27.02 40.22
C GLU A 339 8.02 26.10 41.43
N VAL A 340 8.48 24.87 41.23
CA VAL A 340 8.51 23.87 42.30
C VAL A 340 9.48 24.25 43.38
N ARG A 341 10.52 24.98 42.99
CA ARG A 341 11.56 25.47 43.91
C ARG A 341 10.90 26.48 44.84
N ASP A 342 10.22 27.46 44.24
CA ASP A 342 9.54 28.50 45.01
C ASP A 342 8.52 27.90 45.96
N ALA A 343 7.74 26.93 45.47
CA ALA A 343 6.72 26.29 46.31
C ALA A 343 7.36 25.69 47.56
N SER A 344 8.64 25.27 47.44
CA SER A 344 9.36 24.70 48.57
C SER A 344 9.93 25.76 49.50
N GLN A 345 9.78 27.01 49.12
CA GLN A 345 10.27 28.14 49.91
C GLN A 345 9.11 28.83 50.62
#